data_4NHK
#
_entry.id   4NHK
#
_cell.length_a   168.044
_cell.length_b   67.716
_cell.length_c   70.871
_cell.angle_alpha   90.000
_cell.angle_beta   104.930
_cell.angle_gamma   90.000
#
_symmetry.space_group_name_H-M   'C 1 2 1'
#
loop_
_entity.id
_entity.type
_entity.pdbx_description
1 polymer 'PKHD-type hydroxylase TPA1'
2 non-polymer 'MANGANESE (II) ION'
3 non-polymer 'PYRIDINE-2,4-DICARBOXYLIC ACID'
4 non-polymer GLYCEROL
5 water water
#
_entity_poly.entity_id   1
_entity_poly.type   'polypeptide(L)'
_entity_poly.pdbx_seq_one_letter_code
;MHHHHHHSSGVDLGTENLYFQSMLEEDKIKGMFNPKIWDKTFQDGLKKEIEDSQPYNWGTIHELVNDDLLRAVRKEIETE
IHFTKKETDIYRVNQSGDLANLSGLDWDDLSRLPNLFKLRQILYSKQYRDFFGYVTKAGKLSGSKTDMSINTYTKGCHLL
THDDVIGSRRISFILYLPDPDRKWKSHYGGGLRLFPSILPNVPHSDPSAKLVPQFNQIAFFKVLPGFSFHDVEEVKVDKH
RLSIQGWYHIPQVGEEGYIPGEEEAWVRNNTSTLAQIESNVLEDFEFPKDERNILSFHEVKHFEKMLKGDAGAKTDNTPK
ESMTSVISDSVKLSEAEFTYLSQYISPEHLSSKGIEKLQKQFVENSSLQIESFLNDDKSELLKKVIKQKELEQECPYHSK
DVKAPWKTAIPPHKARYLYIDGKEYRNFQTEADILEALNNNDLPNFQFTKDAIKIISDASGNSRENNFDAELALIDLAVF
HKSTIFKKYLALLTSLCPVSEQILIRRFRPGMDFTLATKCRFNELLKSNPDIIDAVLEGTLCLTPSAGWESGELGGYELY
MMDDDEDNKQYLKEDVEDASVYRADDSGDSVLINDPPAWNTFNLVLRDESVLEFVKYVSWSAKSSRWDVKMKWDVKSCDE
DGQEDEA
;
_entity_poly.pdbx_strand_id   A
#
# COMPACT_ATOMS: atom_id res chain seq x y z
N GLU A 26 3.64 43.51 -13.06
CA GLU A 26 4.99 42.94 -13.08
C GLU A 26 5.88 43.57 -12.00
N ASP A 27 5.47 44.74 -11.52
CA ASP A 27 6.18 45.44 -10.45
C ASP A 27 5.82 44.87 -9.08
N LYS A 28 4.53 44.57 -8.91
CA LYS A 28 4.00 44.15 -7.63
C LYS A 28 4.27 42.67 -7.32
N ILE A 29 4.85 41.95 -8.27
CA ILE A 29 5.05 40.50 -8.10
C ILE A 29 5.94 40.21 -6.88
N LYS A 30 7.13 40.81 -6.83
CA LYS A 30 8.02 40.57 -5.68
C LYS A 30 7.35 40.92 -4.35
N GLY A 31 6.60 42.01 -4.32
CA GLY A 31 5.93 42.43 -3.10
C GLY A 31 4.81 41.51 -2.63
N MET A 32 4.42 40.55 -3.47
CA MET A 32 3.40 39.56 -3.08
C MET A 32 4.00 38.35 -2.37
N PHE A 33 5.32 38.33 -2.24
CA PHE A 33 6.01 37.32 -1.43
C PHE A 33 6.61 37.93 -0.18
N ASN A 34 6.90 37.09 0.82
CA ASN A 34 7.74 37.47 1.93
C ASN A 34 9.04 38.08 1.44
N PRO A 35 9.41 39.28 1.92
CA PRO A 35 10.57 39.91 1.28
C PRO A 35 11.88 39.17 1.50
N LYS A 36 11.94 38.27 2.48
CA LYS A 36 13.16 37.53 2.75
C LYS A 36 13.60 36.72 1.53
N ILE A 37 12.68 36.28 0.68
CA ILE A 37 13.13 35.37 -0.37
C ILE A 37 13.92 36.13 -1.44
N TRP A 38 13.88 37.46 -1.44
CA TRP A 38 14.67 38.24 -2.41
C TRP A 38 16.03 38.65 -1.84
N ASP A 39 16.26 38.31 -0.59
CA ASP A 39 17.49 38.64 0.12
C ASP A 39 18.59 37.64 -0.22
N LYS A 40 19.73 38.13 -0.72
CA LYS A 40 20.82 37.23 -1.14
C LYS A 40 21.28 36.30 -0.01
N THR A 41 21.37 36.83 1.20
CA THR A 41 21.79 36.04 2.34
C THR A 41 20.81 34.88 2.55
N PHE A 42 19.51 35.17 2.49
CA PHE A 42 18.50 34.15 2.68
C PHE A 42 18.63 33.06 1.61
N GLN A 43 18.74 33.49 0.36
CA GLN A 43 18.79 32.58 -0.78
C GLN A 43 19.97 31.63 -0.68
N ASP A 44 21.15 32.16 -0.42
CA ASP A 44 22.35 31.35 -0.35
C ASP A 44 22.27 30.38 0.83
N GLY A 45 21.72 30.83 1.95
CA GLY A 45 21.53 29.98 3.10
C GLY A 45 20.60 28.83 2.77
N LEU A 46 19.54 29.12 2.01
CA LEU A 46 18.53 28.13 1.73
C LEU A 46 19.06 27.15 0.72
N LYS A 47 19.82 27.66 -0.25
CA LYS A 47 20.45 26.79 -1.24
C LYS A 47 21.31 25.72 -0.54
N LYS A 48 22.06 26.16 0.47
CA LYS A 48 22.95 25.26 1.19
C LYS A 48 22.17 24.27 2.05
N GLU A 49 21.09 24.73 2.65
CA GLU A 49 20.25 23.86 3.46
C GLU A 49 19.62 22.75 2.62
N ILE A 50 19.27 23.06 1.38
CA ILE A 50 18.65 22.10 0.47
C ILE A 50 19.70 21.10 0.03
N GLU A 51 20.87 21.62 -0.31
CA GLU A 51 22.00 20.81 -0.71
C GLU A 51 22.33 19.74 0.31
N ASP A 52 22.28 20.13 1.59
CA ASP A 52 22.71 19.27 2.67
C ASP A 52 21.55 18.58 3.42
N SER A 53 20.34 18.62 2.87
CA SER A 53 19.19 18.04 3.54
C SER A 53 19.16 16.51 3.41
N GLN A 54 18.31 15.89 4.22
CA GLN A 54 18.15 14.43 4.27
C GLN A 54 16.65 14.15 4.22
N PRO A 55 16.26 13.01 3.62
CA PRO A 55 17.08 11.92 3.10
C PRO A 55 17.38 12.03 1.61
N TYR A 56 16.78 13.01 0.94
CA TYR A 56 17.17 13.44 -0.39
C TYR A 56 16.94 14.94 -0.38
N ASN A 57 17.37 15.65 -1.43
CA ASN A 57 17.32 17.12 -1.37
C ASN A 57 15.89 17.66 -1.35
N TRP A 58 15.57 18.40 -0.29
CA TRP A 58 14.27 19.03 -0.17
C TRP A 58 14.38 20.25 0.75
N GLY A 59 13.31 21.00 0.84
CA GLY A 59 13.28 22.09 1.79
C GLY A 59 11.90 22.64 2.03
N THR A 60 11.85 23.64 2.91
CA THR A 60 10.60 24.27 3.29
C THR A 60 10.84 25.76 3.55
N ILE A 61 9.86 26.58 3.22
CA ILE A 61 9.87 28.00 3.52
C ILE A 61 8.60 28.28 4.27
N HIS A 62 8.74 28.95 5.43
CA HIS A 62 7.61 29.40 6.24
C HIS A 62 7.17 30.80 5.79
N GLU A 63 5.87 31.09 5.92
CA GLU A 63 5.30 32.38 5.58
C GLU A 63 5.69 32.88 4.19
N LEU A 64 5.48 32.05 3.19
CA LEU A 64 5.97 32.31 1.83
C LEU A 64 5.32 33.53 1.17
N VAL A 65 4.00 33.55 1.19
CA VAL A 65 3.21 34.48 0.41
C VAL A 65 2.66 35.59 1.29
N ASN A 66 2.35 36.72 0.68
CA ASN A 66 1.57 37.76 1.33
C ASN A 66 0.40 37.17 2.10
N ASP A 67 0.37 37.40 3.41
CA ASP A 67 -0.65 36.79 4.26
C ASP A 67 -2.09 37.09 3.84
N ASP A 68 -2.37 38.35 3.48
CA ASP A 68 -3.72 38.72 3.06
C ASP A 68 -4.09 38.01 1.77
N LEU A 69 -3.15 37.92 0.83
CA LEU A 69 -3.43 37.21 -0.41
C LEU A 69 -3.78 35.74 -0.11
N LEU A 70 -2.98 35.06 0.69
CA LEU A 70 -3.22 33.63 0.83
C LEU A 70 -4.51 33.42 1.65
N ARG A 71 -4.79 34.32 2.58
CA ARG A 71 -6.03 34.25 3.34
C ARG A 71 -7.21 34.38 2.41
N ALA A 72 -7.08 35.25 1.42
CA ALA A 72 -8.15 35.46 0.44
C ALA A 72 -8.29 34.24 -0.46
N VAL A 73 -7.18 33.59 -0.78
CA VAL A 73 -7.22 32.39 -1.61
C VAL A 73 -8.00 31.29 -0.88
N ARG A 74 -7.70 31.13 0.40
CA ARG A 74 -8.37 30.13 1.21
C ARG A 74 -9.87 30.35 1.24
N LYS A 75 -10.27 31.60 1.46
CA LYS A 75 -11.69 31.95 1.49
C LYS A 75 -12.36 31.67 0.14
N GLU A 76 -11.73 32.07 -0.96
CA GLU A 76 -12.24 31.79 -2.31
C GLU A 76 -12.43 30.28 -2.53
N ILE A 77 -11.41 29.51 -2.19
CA ILE A 77 -11.47 28.06 -2.42
C ILE A 77 -12.64 27.44 -1.66
N GLU A 78 -12.75 27.76 -0.38
CA GLU A 78 -13.80 27.19 0.45
C GLU A 78 -15.17 27.58 -0.07
N THR A 79 -15.27 28.77 -0.65
CA THR A 79 -16.53 29.28 -1.12
C THR A 79 -16.87 28.76 -2.51
N GLU A 80 -15.87 28.66 -3.38
CA GLU A 80 -16.13 28.47 -4.82
C GLU A 80 -15.87 27.06 -5.32
N ILE A 81 -15.07 26.27 -4.61
CA ILE A 81 -14.70 24.96 -5.12
C ILE A 81 -15.46 23.85 -4.42
N HIS A 82 -16.03 22.96 -5.24
CA HIS A 82 -16.75 21.80 -4.77
C HIS A 82 -15.81 20.59 -4.80
N PHE A 83 -15.50 20.05 -3.61
CA PHE A 83 -14.61 18.92 -3.46
C PHE A 83 -15.41 17.62 -3.45
N THR A 84 -14.81 16.57 -3.97
CA THR A 84 -15.47 15.27 -4.10
C THR A 84 -14.52 14.20 -3.61
N LYS A 85 -14.93 13.42 -2.63
CA LYS A 85 -14.11 12.30 -2.16
C LYS A 85 -13.83 11.35 -3.32
N LYS A 86 -12.57 10.94 -3.44
CA LYS A 86 -12.19 9.88 -4.36
C LYS A 86 -11.24 8.91 -3.66
N GLU A 87 -11.53 7.62 -3.77
CA GLU A 87 -10.67 6.58 -3.21
C GLU A 87 -10.17 5.61 -4.27
N THR A 88 -8.86 5.36 -4.24
CA THR A 88 -8.20 4.37 -5.08
C THR A 88 -7.34 3.49 -4.17
N ASP A 89 -6.57 2.59 -4.75
CA ASP A 89 -5.67 1.77 -3.95
C ASP A 89 -4.67 2.67 -3.20
N ILE A 90 -4.22 3.75 -3.84
CA ILE A 90 -3.11 4.49 -3.28
C ILE A 90 -3.51 5.73 -2.46
N TYR A 91 -4.76 6.18 -2.57
CA TYR A 91 -5.18 7.35 -1.81
C TYR A 91 -6.64 7.39 -1.47
N ARG A 92 -6.95 8.26 -0.53
CA ARG A 92 -8.30 8.76 -0.35
C ARG A 92 -8.16 10.24 -0.12
N VAL A 93 -8.77 11.02 -1.01
CA VAL A 93 -8.61 12.47 -1.02
C VAL A 93 -9.90 13.11 -1.48
N ASN A 94 -10.19 14.29 -0.96
CA ASN A 94 -11.26 15.11 -1.49
C ASN A 94 -10.69 15.99 -2.58
N GLN A 95 -11.01 15.65 -3.82
CA GLN A 95 -10.43 16.28 -4.99
C GLN A 95 -11.32 17.33 -5.62
N SER A 96 -10.74 18.13 -6.49
CA SER A 96 -11.48 19.11 -7.28
C SER A 96 -11.07 19.05 -8.75
N GLY A 97 -10.23 18.09 -9.10
CA GLY A 97 -9.51 18.12 -10.37
C GLY A 97 -10.10 17.35 -11.55
N ASP A 98 -10.98 16.39 -11.26
CA ASP A 98 -11.54 15.54 -12.32
C ASP A 98 -12.52 16.33 -13.19
N LEU A 99 -12.08 16.70 -14.39
CA LEU A 99 -12.92 17.40 -15.35
C LEU A 99 -13.89 16.40 -16.00
N ALA A 100 -14.80 16.89 -16.84
CA ALA A 100 -15.86 16.02 -17.36
C ALA A 100 -16.85 15.64 -16.24
N ASN A 101 -16.48 15.90 -15.00
CA ASN A 101 -17.42 15.96 -13.89
C ASN A 101 -17.63 17.42 -13.54
N LEU A 102 -18.89 17.85 -13.53
CA LEU A 102 -19.23 19.28 -13.44
C LEU A 102 -18.47 20.03 -12.34
N SER A 103 -18.24 19.35 -11.22
CA SER A 103 -17.51 19.94 -10.09
C SER A 103 -16.03 20.15 -10.42
N GLY A 104 -15.55 19.48 -11.47
CA GLY A 104 -14.15 19.56 -11.89
C GLY A 104 -13.63 20.99 -12.08
N LEU A 105 -12.48 21.30 -11.50
CA LEU A 105 -11.90 22.65 -11.56
C LEU A 105 -11.28 22.97 -12.92
N ASP A 106 -11.78 24.05 -13.54
CA ASP A 106 -11.29 24.52 -14.85
C ASP A 106 -10.25 25.60 -14.67
N TRP A 107 -8.98 25.25 -14.88
CA TRP A 107 -7.90 26.20 -14.64
C TRP A 107 -7.87 27.27 -15.71
N ASP A 108 -8.65 27.07 -16.78
CA ASP A 108 -8.79 28.09 -17.83
C ASP A 108 -9.89 29.09 -17.52
N ASP A 109 -10.69 28.82 -16.48
CA ASP A 109 -11.74 29.75 -16.05
C ASP A 109 -11.68 30.00 -14.54
N LEU A 110 -10.80 30.91 -14.12
CA LEU A 110 -10.71 31.32 -12.73
C LEU A 110 -11.40 32.66 -12.49
N SER A 111 -12.51 32.88 -13.20
CA SER A 111 -13.25 34.14 -13.15
C SER A 111 -13.57 34.54 -11.71
N ARG A 112 -13.95 33.55 -10.93
CA ARG A 112 -14.43 33.78 -9.58
C ARG A 112 -13.38 33.46 -8.52
N LEU A 113 -12.18 33.11 -8.97
CA LEU A 113 -11.06 32.92 -8.07
C LEU A 113 -9.90 33.81 -8.49
N PRO A 114 -10.13 35.12 -8.46
CA PRO A 114 -9.11 36.11 -8.84
C PRO A 114 -7.86 36.03 -7.98
N ASN A 115 -8.00 35.78 -6.68
CA ASN A 115 -6.83 35.62 -5.83
C ASN A 115 -6.05 34.33 -6.18
N LEU A 116 -6.75 33.24 -6.48
CA LEU A 116 -6.07 32.04 -6.93
C LEU A 116 -5.33 32.29 -8.25
N PHE A 117 -5.96 33.03 -9.16
CA PHE A 117 -5.34 33.35 -10.43
C PHE A 117 -4.02 34.10 -10.18
N LYS A 118 -4.03 35.00 -9.20
CA LYS A 118 -2.85 35.80 -8.85
C LYS A 118 -1.78 34.93 -8.16
N LEU A 119 -2.20 33.99 -7.33
CA LEU A 119 -1.25 33.07 -6.71
C LEU A 119 -0.51 32.25 -7.79
N ARG A 120 -1.23 31.76 -8.78
CA ARG A 120 -0.60 30.97 -9.82
C ARG A 120 0.36 31.86 -10.59
N GLN A 121 -0.07 33.08 -10.88
CA GLN A 121 0.76 34.01 -11.62
C GLN A 121 2.09 34.27 -10.93
N ILE A 122 2.07 34.50 -9.62
CA ILE A 122 3.30 34.84 -8.93
C ILE A 122 4.20 33.62 -8.76
N LEU A 123 3.60 32.44 -8.54
CA LEU A 123 4.41 31.23 -8.36
C LEU A 123 5.12 30.85 -9.65
N TYR A 124 4.53 31.13 -10.80
CA TYR A 124 5.17 30.80 -12.06
C TYR A 124 5.80 32.00 -12.74
N SER A 125 5.88 33.11 -11.99
CA SER A 125 6.53 34.30 -12.51
C SER A 125 8.02 34.02 -12.74
N LYS A 126 8.62 34.74 -13.68
CA LYS A 126 10.06 34.62 -13.91
C LYS A 126 10.84 34.96 -12.66
N GLN A 127 10.37 35.93 -11.89
CA GLN A 127 11.06 36.35 -10.66
C GLN A 127 11.14 35.21 -9.67
N TYR A 128 10.01 34.56 -9.42
CA TYR A 128 10.02 33.47 -8.45
C TYR A 128 10.78 32.25 -8.97
N ARG A 129 10.62 31.95 -10.25
CA ARG A 129 11.30 30.79 -10.81
C ARG A 129 12.82 30.97 -10.77
N ASP A 130 13.29 32.19 -10.96
CA ASP A 130 14.73 32.47 -10.87
C ASP A 130 15.23 32.14 -9.45
N PHE A 131 14.50 32.61 -8.45
CA PHE A 131 14.82 32.30 -7.05
C PHE A 131 14.77 30.79 -6.77
N PHE A 132 13.64 30.19 -7.10
CA PHE A 132 13.36 28.81 -6.75
C PHE A 132 14.27 27.82 -7.48
N GLY A 133 14.51 28.04 -8.77
CA GLY A 133 15.40 27.18 -9.53
C GLY A 133 16.82 27.34 -8.99
N TYR A 134 17.16 28.53 -8.54
CA TYR A 134 18.49 28.78 -7.98
C TYR A 134 18.69 27.95 -6.69
N VAL A 135 17.77 28.02 -5.75
CA VAL A 135 18.01 27.37 -4.45
C VAL A 135 17.87 25.85 -4.51
N THR A 136 17.09 25.32 -5.47
CA THR A 136 16.94 23.89 -5.64
C THR A 136 17.94 23.30 -6.64
N LYS A 137 18.76 24.15 -7.25
CA LYS A 137 19.70 23.70 -8.29
C LYS A 137 18.99 22.87 -9.36
N ALA A 138 17.81 23.30 -9.78
CA ALA A 138 17.00 22.49 -10.66
C ALA A 138 17.22 22.80 -12.13
N GLY A 139 17.87 23.91 -12.43
CA GLY A 139 17.96 24.37 -13.81
C GLY A 139 16.75 25.20 -14.17
N LYS A 140 16.52 25.39 -15.47
CA LYS A 140 15.43 26.21 -15.94
C LYS A 140 14.09 25.56 -15.68
N LEU A 141 13.10 26.40 -15.41
CA LEU A 141 11.76 25.96 -15.05
C LEU A 141 10.74 26.67 -15.92
N SER A 142 9.74 25.92 -16.37
CA SER A 142 8.72 26.47 -17.26
C SER A 142 7.84 27.45 -16.51
N GLY A 143 7.62 28.62 -17.13
CA GLY A 143 6.59 29.53 -16.68
C GLY A 143 5.23 29.23 -17.30
N SER A 144 5.21 28.66 -18.51
CA SER A 144 3.92 28.46 -19.18
C SER A 144 3.24 27.12 -18.81
N LYS A 145 4.03 26.13 -18.37
CA LYS A 145 3.47 24.83 -17.99
C LYS A 145 3.10 24.87 -16.53
N THR A 146 1.99 25.53 -16.25
CA THR A 146 1.49 25.62 -14.91
C THR A 146 0.79 24.29 -14.62
N ASP A 147 0.91 23.80 -13.40
CA ASP A 147 0.47 22.44 -13.09
C ASP A 147 0.21 22.37 -11.60
N MET A 148 -1.03 22.65 -11.23
CA MET A 148 -1.43 22.70 -9.82
C MET A 148 -2.71 21.94 -9.60
N SER A 149 -2.93 21.52 -8.38
CA SER A 149 -4.21 20.93 -8.04
C SER A 149 -4.50 21.21 -6.58
N ILE A 150 -5.79 21.25 -6.27
CA ILE A 150 -6.26 21.68 -4.97
C ILE A 150 -7.04 20.54 -4.35
N ASN A 151 -6.65 20.17 -3.14
CA ASN A 151 -7.22 19.00 -2.47
C ASN A 151 -7.44 19.27 -0.99
N THR A 152 -8.45 18.65 -0.39
CA THR A 152 -8.58 18.70 1.06
C THR A 152 -8.52 17.30 1.59
N TYR A 153 -7.87 17.18 2.73
CA TYR A 153 -7.80 15.91 3.44
C TYR A 153 -8.65 16.05 4.71
N THR A 154 -9.56 15.10 4.88
CA THR A 154 -10.38 15.01 6.08
C THR A 154 -10.00 13.72 6.77
N LYS A 155 -10.66 13.39 7.87
CA LYS A 155 -10.35 12.18 8.63
C LYS A 155 -10.37 10.92 7.74
N GLY A 156 -9.27 10.15 7.78
CA GLY A 156 -9.15 8.94 7.00
C GLY A 156 -8.47 9.14 5.65
N CYS A 157 -8.36 10.38 5.20
CA CYS A 157 -7.74 10.66 3.93
C CYS A 157 -6.24 10.44 4.04
N HIS A 158 -5.62 10.05 2.94
CA HIS A 158 -4.22 9.64 2.94
C HIS A 158 -3.71 9.53 1.52
N LEU A 159 -2.39 9.49 1.38
CA LEU A 159 -1.77 9.30 0.06
C LEU A 159 -0.53 8.49 0.30
N LEU A 160 -0.46 7.29 -0.25
CA LEU A 160 0.60 6.37 0.10
C LEU A 160 1.85 6.66 -0.76
N THR A 161 2.91 5.91 -0.52
CA THR A 161 4.25 6.20 -1.03
C THR A 161 4.37 6.25 -2.54
N HIS A 162 5.00 7.30 -3.02
CA HIS A 162 5.23 7.50 -4.45
C HIS A 162 6.37 8.49 -4.64
N ASP A 163 6.90 8.58 -5.86
CA ASP A 163 8.06 9.42 -6.07
C ASP A 163 7.84 10.66 -6.98
N ASP A 164 6.59 10.86 -7.42
CA ASP A 164 6.18 11.98 -8.29
C ASP A 164 6.74 11.93 -9.72
N VAL A 165 7.48 10.88 -10.06
CA VAL A 165 8.15 10.84 -11.37
C VAL A 165 7.14 10.54 -12.47
N ILE A 166 6.77 11.59 -13.19
CA ILE A 166 5.79 11.54 -14.27
C ILE A 166 6.17 12.64 -15.27
N GLY A 167 6.24 12.30 -16.56
CA GLY A 167 6.48 13.29 -17.61
C GLY A 167 7.63 14.26 -17.33
N SER A 168 7.36 15.53 -17.54
CA SER A 168 8.39 16.55 -17.45
C SER A 168 8.46 17.24 -16.09
N ARG A 169 7.81 16.68 -15.08
CA ARG A 169 7.89 17.25 -13.73
C ARG A 169 9.32 17.33 -13.27
N ARG A 170 9.71 18.48 -12.72
CA ARG A 170 11.09 18.75 -12.33
C ARG A 170 11.21 19.10 -10.83
N ILE A 171 10.32 19.95 -10.33
CA ILE A 171 10.23 20.24 -8.91
C ILE A 171 8.78 20.13 -8.44
N SER A 172 8.63 19.43 -7.33
CA SER A 172 7.35 19.31 -6.64
CA SER A 172 7.35 19.32 -6.65
C SER A 172 7.26 20.32 -5.53
N PHE A 173 6.08 20.93 -5.37
CA PHE A 173 5.83 21.78 -4.23
C PHE A 173 4.42 21.56 -3.71
N ILE A 174 4.27 21.78 -2.40
CA ILE A 174 2.98 21.72 -1.74
C ILE A 174 2.89 22.94 -0.83
N LEU A 175 1.92 23.80 -1.12
CA LEU A 175 1.62 24.97 -0.30
C LEU A 175 0.42 24.64 0.59
N TYR A 176 0.59 24.77 1.90
CA TYR A 176 -0.43 24.35 2.85
C TYR A 176 -1.33 25.49 3.34
N LEU A 177 -2.63 25.23 3.38
CA LEU A 177 -3.61 26.23 3.80
C LEU A 177 -4.59 25.69 4.84
N PRO A 178 -4.09 25.05 5.92
CA PRO A 178 -4.97 24.77 7.05
C PRO A 178 -5.41 26.09 7.71
N ASP A 179 -6.29 26.01 8.69
CA ASP A 179 -6.80 27.23 9.33
C ASP A 179 -5.67 28.18 9.75
N PRO A 180 -5.66 29.40 9.18
CA PRO A 180 -4.53 30.31 9.48
C PRO A 180 -4.45 30.79 10.93
N ASP A 181 -5.53 30.63 11.69
CA ASP A 181 -5.57 31.19 13.05
C ASP A 181 -5.43 30.12 14.13
N ARG A 182 -5.17 28.87 13.72
CA ARG A 182 -4.91 27.78 14.66
C ARG A 182 -3.69 26.98 14.22
N LYS A 183 -2.98 26.41 15.18
CA LYS A 183 -1.83 25.58 14.87
C LYS A 183 -2.32 24.19 14.48
N TRP A 184 -1.80 23.66 13.38
CA TRP A 184 -2.06 22.26 13.04
C TRP A 184 -1.14 21.40 13.87
N LYS A 185 -1.70 20.45 14.61
CA LYS A 185 -0.93 19.67 15.57
C LYS A 185 -0.52 18.33 15.00
N SER A 186 0.60 17.80 15.50
CA SER A 186 1.14 16.56 14.99
C SER A 186 0.18 15.39 15.07
N HIS A 187 -0.57 15.29 16.16
CA HIS A 187 -1.45 14.15 16.34
C HIS A 187 -2.68 14.26 15.45
N TYR A 188 -2.86 15.38 14.76
CA TYR A 188 -3.94 15.49 13.77
C TYR A 188 -3.67 14.59 12.53
N GLY A 189 -2.41 14.26 12.31
CA GLY A 189 -1.99 13.57 11.10
C GLY A 189 -1.84 14.51 9.91
N GLY A 190 -1.82 13.95 8.71
CA GLY A 190 -1.68 14.76 7.51
C GLY A 190 -0.27 15.23 7.28
N GLY A 191 0.69 14.67 8.02
CA GLY A 191 2.09 15.03 7.78
C GLY A 191 2.64 14.54 6.43
N LEU A 192 3.57 15.33 5.89
CA LEU A 192 4.33 14.95 4.71
C LEU A 192 5.56 14.16 5.14
N ARG A 193 5.65 12.91 4.70
CA ARG A 193 6.70 12.00 5.15
C ARG A 193 7.63 11.65 4.01
N LEU A 194 8.91 11.64 4.32
CA LEU A 194 9.99 11.38 3.37
C LEU A 194 10.69 10.09 3.76
N PHE A 195 11.04 9.30 2.75
CA PHE A 195 11.59 7.96 2.94
C PHE A 195 13.02 7.88 2.43
N PRO A 196 13.95 7.41 3.27
CA PRO A 196 15.33 7.28 2.78
C PRO A 196 15.48 6.09 1.86
N SER A 197 16.60 6.05 1.17
CA SER A 197 16.88 5.08 0.14
C SER A 197 17.80 4.01 0.68
N ILE A 198 17.39 2.74 0.59
CA ILE A 198 18.29 1.64 0.87
C ILE A 198 19.22 1.50 -0.32
N LEU A 199 18.65 1.50 -1.52
CA LEU A 199 19.40 1.65 -2.75
C LEU A 199 18.46 2.29 -3.77
N PRO A 200 18.97 2.73 -4.94
CA PRO A 200 18.07 3.43 -5.86
C PRO A 200 16.85 2.58 -6.21
N ASN A 201 15.70 3.24 -6.19
CA ASN A 201 14.38 2.61 -6.35
C ASN A 201 14.02 1.60 -5.26
N VAL A 202 14.74 1.63 -4.16
CA VAL A 202 14.36 0.81 -3.04
C VAL A 202 14.34 1.69 -1.81
N PRO A 203 13.24 2.43 -1.63
CA PRO A 203 13.06 3.21 -0.39
C PRO A 203 12.90 2.29 0.79
N HIS A 204 13.41 2.75 1.93
CA HIS A 204 13.18 2.09 3.20
C HIS A 204 11.68 2.10 3.51
N SER A 205 11.20 1.05 4.17
CA SER A 205 9.77 0.95 4.49
C SER A 205 9.22 2.03 5.41
N ASP A 206 10.07 2.55 6.29
CA ASP A 206 9.71 3.54 7.26
C ASP A 206 10.29 4.93 6.94
N PRO A 207 9.49 5.97 7.16
CA PRO A 207 9.96 7.31 6.83
C PRO A 207 10.97 7.82 7.85
N SER A 208 11.85 8.73 7.42
CA SER A 208 12.91 9.25 8.27
C SER A 208 12.68 10.73 8.61
N ALA A 209 11.66 11.34 8.02
CA ALA A 209 11.29 12.70 8.36
C ALA A 209 9.80 12.90 8.11
N LYS A 210 9.18 13.70 8.96
CA LYS A 210 7.76 14.04 8.84
C LYS A 210 7.50 15.51 9.09
N LEU A 211 7.03 16.21 8.08
CA LEU A 211 6.76 17.64 8.23
C LEU A 211 5.30 17.83 8.62
N VAL A 212 5.08 18.62 9.67
CA VAL A 212 3.73 18.98 10.13
C VAL A 212 3.44 20.38 9.64
N PRO A 213 2.70 20.50 8.54
CA PRO A 213 2.65 21.79 7.86
C PRO A 213 1.69 22.83 8.47
N GLN A 214 2.08 24.09 8.42
CA GLN A 214 1.19 25.18 8.88
C GLN A 214 0.76 26.03 7.68
N PHE A 215 -0.21 26.92 7.93
CA PHE A 215 -0.65 27.89 6.93
C PHE A 215 0.52 28.69 6.33
N ASN A 216 0.50 28.80 5.01
CA ASN A 216 1.49 29.56 4.26
C ASN A 216 2.89 28.98 4.38
N GLN A 217 2.99 27.69 4.70
CA GLN A 217 4.24 26.96 4.60
C GLN A 217 4.27 26.16 3.27
N ILE A 218 5.41 26.20 2.58
CA ILE A 218 5.59 25.42 1.36
C ILE A 218 6.67 24.37 1.65
N ALA A 219 6.43 23.15 1.18
CA ALA A 219 7.44 22.11 1.10
C ALA A 219 7.72 21.77 -0.36
N PHE A 220 8.97 21.45 -0.68
CA PHE A 220 9.33 21.19 -2.04
C PHE A 220 10.54 20.29 -2.17
N PHE A 221 10.67 19.68 -3.33
CA PHE A 221 11.81 18.83 -3.62
C PHE A 221 11.90 18.62 -5.11
N LYS A 222 13.13 18.59 -5.62
CA LYS A 222 13.40 18.18 -6.97
C LYS A 222 12.92 16.74 -7.13
N VAL A 223 12.17 16.48 -8.20
CA VAL A 223 11.72 15.15 -8.53
C VAL A 223 12.94 14.33 -8.96
N LEU A 224 13.14 13.17 -8.33
CA LEU A 224 14.38 12.40 -8.52
C LEU A 224 14.05 10.95 -8.72
N PRO A 225 14.13 10.45 -9.97
CA PRO A 225 13.81 9.04 -10.20
C PRO A 225 14.62 8.13 -9.29
N GLY A 226 13.92 7.21 -8.65
CA GLY A 226 14.49 6.27 -7.69
C GLY A 226 14.74 6.75 -6.27
N PHE A 227 14.53 8.04 -5.99
CA PHE A 227 14.86 8.60 -4.70
C PHE A 227 13.79 9.44 -4.00
N SER A 228 13.01 10.23 -4.74
CA SER A 228 12.14 11.20 -4.06
C SER A 228 10.83 10.59 -3.55
N PHE A 229 10.96 9.52 -2.76
CA PHE A 229 9.77 8.85 -2.23
C PHE A 229 9.21 9.57 -1.01
N HIS A 230 7.91 9.79 -1.03
CA HIS A 230 7.21 10.51 0.01
C HIS A 230 5.75 10.04 0.09
N ASP A 231 5.08 10.35 1.19
CA ASP A 231 3.64 10.10 1.28
C ASP A 231 2.98 11.15 2.13
N VAL A 232 1.65 11.10 2.19
CA VAL A 232 0.92 11.92 3.15
C VAL A 232 0.24 11.04 4.18
N GLU A 233 0.70 11.19 5.43
CA GLU A 233 0.18 10.52 6.58
C GLU A 233 -1.32 10.75 6.72
N GLU A 234 -2.04 9.70 7.08
CA GLU A 234 -3.48 9.77 7.27
C GLU A 234 -3.86 10.90 8.22
N VAL A 235 -4.94 11.61 7.90
CA VAL A 235 -5.48 12.61 8.82
C VAL A 235 -6.31 11.81 9.84
N LYS A 236 -6.03 12.05 11.11
CA LYS A 236 -6.50 11.14 12.16
C LYS A 236 -7.65 11.73 12.99
N VAL A 237 -7.97 12.99 12.76
CA VAL A 237 -9.02 13.69 13.53
C VAL A 237 -10.01 14.28 12.56
N ASP A 238 -11.13 14.74 13.08
CA ASP A 238 -12.17 15.31 12.24
C ASP A 238 -11.89 16.79 11.97
N LYS A 239 -10.90 17.03 11.11
CA LYS A 239 -10.53 18.36 10.65
C LYS A 239 -10.41 18.31 9.14
N HIS A 240 -10.42 19.48 8.52
CA HIS A 240 -10.18 19.60 7.08
C HIS A 240 -8.82 20.24 6.90
N ARG A 241 -7.95 19.66 6.08
CA ARG A 241 -6.78 20.39 5.66
C ARG A 241 -6.70 20.59 4.16
N LEU A 242 -6.61 21.85 3.79
CA LEU A 242 -6.48 22.25 2.41
C LEU A 242 -5.00 22.35 2.02
N SER A 243 -4.67 21.88 0.81
CA SER A 243 -3.34 22.10 0.26
C SER A 243 -3.41 22.37 -1.22
N ILE A 244 -2.39 23.05 -1.73
CA ILE A 244 -2.23 23.24 -3.17
C ILE A 244 -0.90 22.60 -3.58
N GLN A 245 -1.01 21.49 -4.31
CA GLN A 245 0.13 20.74 -4.82
C GLN A 245 0.42 21.23 -6.20
N GLY A 246 1.69 21.33 -6.55
CA GLY A 246 2.05 21.73 -7.89
C GLY A 246 3.37 21.18 -8.32
N TRP A 247 3.66 21.37 -9.60
CA TRP A 247 4.96 21.07 -10.17
C TRP A 247 5.45 22.18 -11.08
N TYR A 248 6.75 22.42 -11.02
CA TYR A 248 7.47 23.09 -12.09
C TYR A 248 8.01 22.04 -13.04
N HIS A 249 7.89 22.33 -14.33
CA HIS A 249 8.30 21.45 -15.40
C HIS A 249 9.55 21.92 -16.09
N ILE A 250 10.20 20.98 -16.76
CA ILE A 250 11.15 21.30 -17.83
C ILE A 250 10.48 22.29 -18.78
N PRO A 251 11.20 23.34 -19.17
CA PRO A 251 10.58 24.32 -20.09
C PRO A 251 10.15 23.72 -21.42
N GLN A 252 9.20 24.37 -22.08
CA GLN A 252 8.89 24.05 -23.47
C GLN A 252 10.15 24.30 -24.29
N VAL A 253 10.30 23.59 -25.40
CA VAL A 253 11.43 23.77 -26.29
C VAL A 253 11.47 25.23 -26.76
N GLY A 254 12.58 25.90 -26.48
CA GLY A 254 12.76 27.29 -26.85
C GLY A 254 12.20 28.29 -25.86
N GLU A 255 11.47 27.81 -24.86
CA GLU A 255 10.91 28.69 -23.84
C GLU A 255 12.02 29.38 -23.07
N GLU A 256 12.02 30.72 -23.11
CA GLU A 256 13.06 31.52 -22.49
C GLU A 256 14.45 31.01 -22.85
N GLY A 257 14.60 30.47 -24.05
CA GLY A 257 15.90 30.03 -24.53
C GLY A 257 16.24 28.57 -24.25
N TYR A 258 15.37 27.87 -23.54
CA TYR A 258 15.66 26.48 -23.19
C TYR A 258 15.85 25.59 -24.42
N ILE A 259 16.94 24.85 -24.46
CA ILE A 259 17.22 23.86 -25.50
C ILE A 259 17.33 22.48 -24.86
N PRO A 260 16.51 21.51 -25.31
CA PRO A 260 16.58 20.16 -24.73
C PRO A 260 17.99 19.58 -24.82
N GLY A 261 18.49 19.06 -23.71
CA GLY A 261 19.75 18.35 -23.74
C GLY A 261 20.98 19.19 -23.45
N GLU A 262 20.82 20.51 -23.36
CA GLU A 262 21.93 21.41 -23.04
C GLU A 262 21.83 21.92 -21.61
N LEU A 282 14.16 -4.78 -10.89
CA LEU A 282 13.64 -4.14 -9.69
C LEU A 282 12.68 -5.04 -8.94
N GLU A 283 12.05 -5.93 -9.68
CA GLU A 283 11.40 -7.11 -9.13
C GLU A 283 12.27 -7.84 -8.11
N ASP A 284 13.59 -7.81 -8.31
CA ASP A 284 14.50 -8.56 -7.44
C ASP A 284 14.44 -8.09 -5.97
N PHE A 285 14.02 -6.85 -5.76
CA PHE A 285 14.02 -6.20 -4.45
C PHE A 285 12.67 -6.20 -3.75
N GLU A 286 11.67 -6.83 -4.37
CA GLU A 286 10.36 -7.05 -3.77
C GLU A 286 10.42 -8.23 -2.84
N PHE A 287 9.91 -8.07 -1.63
CA PHE A 287 9.72 -9.20 -0.72
C PHE A 287 8.35 -9.07 -0.09
N PRO A 288 7.61 -10.17 0.00
CA PRO A 288 7.86 -11.51 -0.55
C PRO A 288 7.82 -11.51 -2.08
N LYS A 289 8.53 -12.43 -2.72
CA LYS A 289 8.45 -12.63 -4.17
C LYS A 289 7.11 -13.25 -4.52
N ASP A 290 6.55 -12.81 -5.63
CA ASP A 290 5.32 -13.41 -6.17
C ASP A 290 5.69 -14.66 -6.96
N GLU A 291 6.16 -15.69 -6.25
CA GLU A 291 6.71 -16.94 -6.79
C GLU A 291 6.17 -18.13 -6.04
N ARG A 292 5.98 -19.25 -6.73
CA ARG A 292 5.46 -20.48 -6.10
C ARG A 292 6.43 -21.62 -6.29
N ASN A 293 6.43 -22.56 -5.35
CA ASN A 293 7.25 -23.74 -5.46
C ASN A 293 6.42 -24.89 -5.97
N ILE A 294 6.97 -25.64 -6.92
CA ILE A 294 6.24 -26.71 -7.55
C ILE A 294 6.06 -27.85 -6.56
N LEU A 295 4.94 -28.55 -6.72
CA LEU A 295 4.55 -29.62 -5.82
C LEU A 295 5.23 -30.91 -6.22
N SER A 296 5.29 -31.85 -5.29
CA SER A 296 5.89 -33.16 -5.53
C SER A 296 5.10 -33.95 -6.57
N PHE A 297 5.77 -34.85 -7.29
CA PHE A 297 4.99 -35.66 -8.23
C PHE A 297 3.94 -36.51 -7.51
N HIS A 298 4.19 -36.88 -6.26
CA HIS A 298 3.22 -37.70 -5.49
C HIS A 298 1.87 -36.99 -5.45
N GLU A 299 1.93 -35.71 -5.09
CA GLU A 299 0.73 -34.88 -4.96
C GLU A 299 -0.02 -34.71 -6.26
N VAL A 300 0.68 -34.28 -7.30
CA VAL A 300 0.05 -33.99 -8.57
C VAL A 300 -0.62 -35.27 -9.09
N LYS A 301 0.03 -36.42 -8.97
CA LYS A 301 -0.57 -37.65 -9.48
C LYS A 301 -1.84 -37.95 -8.71
N HIS A 302 -1.84 -37.70 -7.40
CA HIS A 302 -3.03 -37.87 -6.58
C HIS A 302 -4.22 -37.10 -7.14
N PHE A 303 -4.00 -35.83 -7.47
CA PHE A 303 -5.09 -34.99 -7.94
C PHE A 303 -5.59 -35.46 -9.31
N GLU A 304 -4.67 -35.79 -10.20
CA GLU A 304 -5.04 -36.30 -11.52
C GLU A 304 -5.92 -37.53 -11.42
N LYS A 305 -5.45 -38.51 -10.66
CA LYS A 305 -6.14 -39.78 -10.50
C LYS A 305 -7.57 -39.56 -10.05
N MET A 306 -7.77 -38.56 -9.19
CA MET A 306 -9.09 -38.30 -8.66
C MET A 306 -9.99 -37.66 -9.72
N LEU A 307 -9.43 -36.75 -10.50
CA LEU A 307 -10.21 -36.02 -11.51
C LEU A 307 -10.32 -36.77 -12.84
N LYS A 308 -9.82 -38.00 -12.88
CA LYS A 308 -9.86 -38.79 -14.10
C LYS A 308 -9.94 -40.28 -13.77
N VAL A 331 -17.40 -37.20 -5.56
CA VAL A 331 -16.57 -36.85 -4.41
C VAL A 331 -15.70 -38.04 -4.00
N LYS A 332 -14.60 -38.23 -4.74
CA LYS A 332 -13.70 -39.35 -4.49
C LYS A 332 -12.74 -39.05 -3.34
N LEU A 333 -13.29 -38.68 -2.19
CA LEU A 333 -12.52 -38.53 -0.96
C LEU A 333 -12.87 -39.67 0.02
N SER A 334 -11.85 -40.20 0.69
CA SER A 334 -12.03 -41.33 1.60
C SER A 334 -12.54 -40.88 2.95
N GLU A 335 -12.97 -41.85 3.77
CA GLU A 335 -13.39 -41.56 5.13
C GLU A 335 -12.24 -40.92 5.90
N ALA A 336 -11.03 -41.44 5.71
CA ALA A 336 -9.86 -40.93 6.39
C ALA A 336 -9.52 -39.50 5.94
N GLU A 337 -9.72 -39.21 4.66
CA GLU A 337 -9.42 -37.87 4.15
C GLU A 337 -10.48 -36.89 4.68
N PHE A 338 -11.75 -37.29 4.70
CA PHE A 338 -12.76 -36.41 5.29
C PHE A 338 -12.47 -36.18 6.77
N THR A 339 -11.97 -37.20 7.45
CA THR A 339 -11.60 -37.08 8.84
C THR A 339 -10.49 -36.05 9.02
N TYR A 340 -9.51 -36.08 8.11
CA TYR A 340 -8.42 -35.12 8.17
C TYR A 340 -8.94 -33.71 7.88
N LEU A 341 -9.79 -33.56 6.87
CA LEU A 341 -10.31 -32.25 6.50
C LEU A 341 -11.18 -31.66 7.60
N SER A 342 -11.87 -32.52 8.34
CA SER A 342 -12.79 -32.05 9.37
C SER A 342 -12.02 -31.58 10.60
N GLN A 343 -10.71 -31.76 10.65
CA GLN A 343 -9.93 -31.20 11.75
C GLN A 343 -10.02 -29.66 11.72
N TYR A 344 -10.09 -29.10 10.51
CA TYR A 344 -10.10 -27.64 10.33
C TYR A 344 -11.38 -27.11 9.68
N ILE A 345 -11.94 -27.83 8.71
CA ILE A 345 -13.00 -27.24 7.91
C ILE A 345 -14.37 -27.54 8.47
N SER A 346 -15.29 -26.60 8.32
CA SER A 346 -16.64 -26.74 8.86
C SER A 346 -17.41 -27.88 8.19
N PRO A 347 -18.22 -28.64 8.96
CA PRO A 347 -18.92 -29.77 8.31
C PRO A 347 -19.76 -29.31 7.11
N GLU A 348 -20.31 -28.11 7.21
CA GLU A 348 -21.16 -27.54 6.16
C GLU A 348 -20.49 -27.62 4.78
N HIS A 349 -19.17 -27.47 4.75
CA HIS A 349 -18.44 -27.46 3.49
C HIS A 349 -17.77 -28.79 3.13
N LEU A 350 -17.99 -29.81 3.95
CA LEU A 350 -17.51 -31.17 3.66
C LEU A 350 -18.61 -32.14 3.22
N SER A 351 -19.86 -31.69 3.32
CA SER A 351 -21.00 -32.54 2.97
C SER A 351 -21.14 -32.68 1.46
N SER A 352 -21.86 -33.70 1.03
CA SER A 352 -22.07 -33.95 -0.38
C SER A 352 -22.80 -32.78 -1.02
N LYS A 353 -23.76 -32.20 -0.29
CA LYS A 353 -24.51 -31.07 -0.80
C LYS A 353 -23.64 -29.80 -0.82
N GLY A 354 -22.94 -29.54 0.28
CA GLY A 354 -22.08 -28.36 0.37
C GLY A 354 -21.02 -28.34 -0.72
N ILE A 355 -20.43 -29.49 -0.98
CA ILE A 355 -19.43 -29.62 -2.03
C ILE A 355 -20.05 -29.33 -3.40
N GLU A 356 -21.22 -29.94 -3.65
CA GLU A 356 -21.95 -29.73 -4.90
C GLU A 356 -22.22 -28.24 -5.10
N LYS A 357 -22.69 -27.57 -4.06
CA LYS A 357 -22.97 -26.12 -4.15
C LYS A 357 -21.71 -25.33 -4.50
N LEU A 358 -20.63 -25.66 -3.84
CA LEU A 358 -19.37 -24.95 -4.07
C LEU A 358 -18.86 -25.24 -5.48
N GLN A 359 -18.95 -26.49 -5.91
CA GLN A 359 -18.55 -26.87 -7.25
C GLN A 359 -19.27 -26.05 -8.32
N LYS A 360 -20.59 -25.97 -8.19
CA LYS A 360 -21.40 -25.26 -9.17
C LYS A 360 -21.07 -23.77 -9.15
N GLN A 361 -20.95 -23.23 -7.95
CA GLN A 361 -20.62 -21.83 -7.79
C GLN A 361 -19.28 -21.50 -8.49
N PHE A 362 -18.29 -22.37 -8.32
CA PHE A 362 -17.00 -22.15 -8.98
C PHE A 362 -17.09 -22.33 -10.50
N VAL A 363 -17.91 -23.26 -10.95
CA VAL A 363 -18.09 -23.45 -12.39
C VAL A 363 -18.71 -22.20 -13.00
N GLU A 364 -19.68 -21.61 -12.32
CA GLU A 364 -20.39 -20.46 -12.88
C GLU A 364 -19.65 -19.14 -12.72
N ASN A 365 -18.87 -19.00 -11.65
CA ASN A 365 -18.21 -17.73 -11.31
C ASN A 365 -16.67 -17.68 -11.47
N SER A 366 -16.04 -18.85 -11.51
CA SER A 366 -14.58 -18.98 -11.46
C SER A 366 -14.06 -18.33 -10.16
N SER A 367 -14.90 -18.42 -9.13
CA SER A 367 -14.53 -17.91 -7.83
C SER A 367 -15.48 -18.47 -6.78
N LEU A 368 -15.04 -18.41 -5.52
CA LEU A 368 -15.86 -18.80 -4.38
C LEU A 368 -15.71 -17.77 -3.27
N GLN A 369 -16.80 -17.48 -2.58
CA GLN A 369 -16.74 -16.70 -1.36
C GLN A 369 -17.49 -17.45 -0.27
N ILE A 370 -16.71 -18.14 0.56
CA ILE A 370 -17.24 -19.00 1.60
C ILE A 370 -17.25 -18.28 2.94
N GLU A 371 -18.39 -18.37 3.63
CA GLU A 371 -18.53 -17.86 4.99
C GLU A 371 -18.43 -19.02 5.97
N SER A 372 -17.99 -18.71 7.19
CA SER A 372 -17.76 -19.72 8.22
C SER A 372 -17.01 -20.91 7.66
N PHE A 373 -15.78 -20.68 7.21
CA PHE A 373 -15.02 -21.72 6.54
C PHE A 373 -14.50 -22.75 7.54
N LEU A 374 -13.74 -22.28 8.53
CA LEU A 374 -13.20 -23.18 9.54
C LEU A 374 -14.30 -23.63 10.51
N ASN A 375 -14.09 -24.77 11.15
CA ASN A 375 -15.09 -25.30 12.09
C ASN A 375 -15.02 -24.51 13.39
N ASP A 376 -15.97 -24.77 14.29
CA ASP A 376 -16.11 -23.95 15.49
C ASP A 376 -14.89 -24.10 16.41
N ASP A 377 -14.32 -25.29 16.46
CA ASP A 377 -13.15 -25.55 17.31
C ASP A 377 -11.96 -24.67 16.90
N LYS A 378 -11.68 -24.63 15.60
CA LYS A 378 -10.50 -23.89 15.13
C LYS A 378 -10.83 -22.39 15.07
N SER A 379 -12.09 -22.07 14.80
CA SER A 379 -12.54 -20.70 14.86
C SER A 379 -12.33 -20.14 16.27
N GLU A 380 -12.79 -20.87 17.29
CA GLU A 380 -12.69 -20.36 18.66
C GLU A 380 -11.22 -20.21 19.05
N LEU A 381 -10.40 -21.22 18.74
CA LEU A 381 -8.98 -21.15 19.05
C LEU A 381 -8.31 -19.90 18.43
N LEU A 382 -8.48 -19.72 17.13
CA LEU A 382 -7.82 -18.63 16.41
C LEU A 382 -8.33 -17.25 16.85
N LYS A 383 -9.62 -17.15 17.10
CA LYS A 383 -10.16 -15.89 17.58
C LYS A 383 -9.55 -15.55 18.93
N LYS A 384 -9.43 -16.53 19.82
CA LYS A 384 -8.87 -16.26 21.13
C LYS A 384 -7.47 -15.72 21.03
N VAL A 385 -6.61 -16.45 20.32
CA VAL A 385 -5.19 -16.12 20.33
C VAL A 385 -4.92 -14.81 19.56
N ILE A 386 -5.67 -14.57 18.50
CA ILE A 386 -5.50 -13.32 17.75
C ILE A 386 -5.97 -12.14 18.60
N LYS A 387 -7.14 -12.26 19.23
CA LYS A 387 -7.65 -11.19 20.08
C LYS A 387 -6.69 -10.91 21.23
N GLN A 388 -6.16 -11.96 21.83
CA GLN A 388 -5.24 -11.82 22.95
C GLN A 388 -4.01 -11.05 22.53
N LYS A 389 -3.46 -11.38 21.37
CA LYS A 389 -2.28 -10.69 20.86
C LYS A 389 -2.58 -9.22 20.55
N GLU A 390 -3.76 -8.94 19.98
CA GLU A 390 -4.16 -7.57 19.72
C GLU A 390 -4.24 -6.73 20.98
N LEU A 391 -4.74 -7.33 22.05
CA LEU A 391 -5.08 -6.57 23.24
C LEU A 391 -3.89 -6.42 24.19
N GLU A 392 -3.03 -7.43 24.25
CA GLU A 392 -2.06 -7.50 25.35
C GLU A 392 -0.59 -7.47 24.93
N GLN A 393 -0.30 -7.47 23.63
CA GLN A 393 1.10 -7.40 23.20
C GLN A 393 1.36 -6.14 22.38
N GLU A 394 2.60 -5.66 22.41
CA GLU A 394 2.99 -4.47 21.66
C GLU A 394 3.34 -4.82 20.20
N CYS A 395 2.51 -4.35 19.27
CA CYS A 395 2.74 -4.61 17.86
C CYS A 395 3.88 -3.76 17.36
N PRO A 396 4.85 -4.36 16.64
CA PRO A 396 5.91 -3.50 16.10
C PRO A 396 5.37 -2.52 15.05
N TYR A 397 5.83 -1.27 15.10
CA TYR A 397 5.37 -0.22 14.17
C TYR A 397 6.53 0.40 13.40
N HIS A 398 7.62 -0.35 13.32
CA HIS A 398 8.80 0.04 12.53
C HIS A 398 9.49 -1.27 12.10
N SER A 399 10.03 -1.33 10.88
CA SER A 399 10.54 -2.61 10.40
C SER A 399 11.72 -3.13 11.24
N LYS A 400 12.48 -2.23 11.86
CA LYS A 400 13.62 -2.62 12.71
C LYS A 400 13.17 -3.38 13.97
N ASP A 401 11.92 -3.19 14.37
CA ASP A 401 11.42 -3.76 15.61
C ASP A 401 10.73 -5.10 15.38
N VAL A 402 10.55 -5.50 14.12
CA VAL A 402 9.87 -6.72 13.79
C VAL A 402 10.81 -7.90 14.04
N LYS A 403 10.32 -8.95 14.69
CA LYS A 403 11.16 -10.09 15.04
C LYS A 403 10.56 -11.38 14.52
N ALA A 404 11.41 -12.41 14.44
CA ALA A 404 10.97 -13.73 14.00
C ALA A 404 9.67 -14.10 14.70
N PRO A 405 8.74 -14.74 13.98
CA PRO A 405 8.82 -15.27 12.62
C PRO A 405 8.39 -14.29 11.52
N TRP A 406 8.24 -13.02 11.89
CA TRP A 406 7.65 -12.04 11.01
C TRP A 406 8.68 -11.34 10.13
N LYS A 407 8.22 -10.95 8.94
CA LYS A 407 8.97 -10.13 7.99
C LYS A 407 8.10 -8.94 7.60
N THR A 408 8.73 -7.88 7.13
CA THR A 408 8.03 -6.72 6.56
C THR A 408 8.09 -6.74 5.04
N ALA A 409 6.93 -6.71 4.39
CA ALA A 409 6.89 -6.59 2.94
C ALA A 409 7.50 -5.24 2.49
N ILE A 410 8.32 -5.29 1.43
CA ILE A 410 9.00 -4.12 0.87
C ILE A 410 8.99 -4.24 -0.66
N PRO A 411 9.18 -3.12 -1.38
CA PRO A 411 9.34 -1.73 -0.94
C PRO A 411 8.01 -1.02 -0.74
N PRO A 412 8.00 0.09 0.02
CA PRO A 412 6.74 0.72 0.42
C PRO A 412 6.02 1.44 -0.71
N HIS A 413 6.63 1.60 -1.88
CA HIS A 413 5.83 2.12 -3.00
C HIS A 413 5.10 0.99 -3.73
N LYS A 414 5.23 -0.22 -3.19
CA LYS A 414 4.45 -1.35 -3.66
C LYS A 414 3.52 -1.94 -2.59
N ALA A 415 3.99 -2.02 -1.36
CA ALA A 415 3.22 -2.62 -0.28
C ALA A 415 3.90 -2.42 1.06
N ARG A 416 3.14 -2.61 2.13
CA ARG A 416 3.67 -2.70 3.47
C ARG A 416 2.74 -3.59 4.28
N TYR A 417 3.29 -4.64 4.87
CA TYR A 417 2.54 -5.49 5.79
C TYR A 417 3.51 -6.45 6.44
N LEU A 418 3.06 -7.07 7.52
CA LEU A 418 3.81 -8.10 8.18
C LEU A 418 3.40 -9.49 7.66
N TYR A 419 4.38 -10.37 7.47
CA TYR A 419 4.04 -11.70 6.99
C TYR A 419 4.96 -12.78 7.56
N ILE A 420 4.41 -13.98 7.63
CA ILE A 420 5.14 -15.20 7.92
C ILE A 420 5.15 -16.05 6.66
N ASP A 421 6.33 -16.34 6.11
CA ASP A 421 6.44 -17.16 4.94
C ASP A 421 7.17 -18.48 5.20
N GLY A 422 7.67 -18.70 6.41
CA GLY A 422 8.36 -19.94 6.75
C GLY A 422 9.82 -19.95 6.33
N LYS A 423 10.33 -18.84 5.78
CA LYS A 423 11.73 -18.79 5.34
C LYS A 423 12.59 -18.27 6.48
N GLU A 424 13.89 -18.37 6.34
CA GLU A 424 14.76 -17.90 7.40
C GLU A 424 14.55 -16.38 7.59
N TYR A 425 14.76 -15.93 8.82
CA TYR A 425 14.44 -14.56 9.21
C TYR A 425 15.21 -13.59 8.35
N ARG A 426 14.55 -12.50 7.97
CA ARG A 426 15.21 -11.40 7.29
C ARG A 426 14.70 -10.08 7.86
N ASN A 427 15.60 -9.13 8.01
CA ASN A 427 15.22 -7.78 8.39
C ASN A 427 16.07 -6.86 7.52
N PHE A 428 15.41 -6.18 6.60
CA PHE A 428 16.09 -5.47 5.53
C PHE A 428 16.27 -4.00 5.89
N GLN A 429 17.41 -3.71 6.51
CA GLN A 429 17.75 -2.35 6.88
C GLN A 429 18.80 -1.74 5.96
N THR A 430 19.60 -2.58 5.33
CA THR A 430 20.70 -2.12 4.48
C THR A 430 20.75 -2.85 3.17
N GLU A 431 21.44 -2.26 2.19
CA GLU A 431 21.67 -2.95 0.93
C GLU A 431 22.24 -4.36 1.14
N ALA A 432 23.24 -4.45 2.03
CA ALA A 432 23.89 -5.72 2.35
C ALA A 432 22.89 -6.77 2.81
N ASP A 433 21.91 -6.39 3.63
CA ASP A 433 20.88 -7.33 4.07
C ASP A 433 20.11 -7.89 2.89
N ILE A 434 19.82 -7.04 1.90
CA ILE A 434 19.06 -7.48 0.73
C ILE A 434 19.91 -8.40 -0.15
N LEU A 435 21.15 -7.99 -0.41
CA LEU A 435 22.01 -8.75 -1.28
C LEU A 435 22.32 -10.11 -0.69
N GLU A 436 22.35 -10.18 0.63
CA GLU A 436 22.62 -11.45 1.30
C GLU A 436 21.48 -12.41 1.03
N ALA A 437 20.24 -11.92 1.12
CA ALA A 437 19.06 -12.74 0.84
C ALA A 437 19.05 -13.21 -0.60
N LEU A 438 19.44 -12.34 -1.52
CA LEU A 438 19.41 -12.67 -2.94
C LEU A 438 20.50 -13.66 -3.36
N ASN A 439 21.65 -13.61 -2.70
CA ASN A 439 22.68 -14.60 -2.95
C ASN A 439 22.39 -15.96 -2.29
N ASN A 440 21.51 -15.98 -1.28
CA ASN A 440 21.20 -17.20 -0.51
C ASN A 440 19.72 -17.46 -0.45
N ASN A 441 19.08 -17.72 -1.58
CA ASN A 441 17.65 -17.95 -1.59
C ASN A 441 17.33 -19.22 -0.81
N ASP A 442 16.31 -19.19 0.02
CA ASP A 442 15.92 -20.38 0.78
C ASP A 442 14.43 -20.58 0.60
N LEU A 443 13.98 -21.78 0.97
CA LEU A 443 12.61 -22.22 0.75
C LEU A 443 11.85 -22.27 2.06
N PRO A 444 10.52 -22.10 2.00
CA PRO A 444 9.73 -22.11 3.21
C PRO A 444 9.82 -23.43 3.95
N ASN A 445 9.91 -23.38 5.27
CA ASN A 445 9.67 -24.56 6.05
C ASN A 445 8.97 -24.22 7.35
N PHE A 446 7.67 -24.49 7.37
CA PHE A 446 6.84 -24.07 8.48
C PHE A 446 7.09 -24.86 9.76
N GLN A 447 7.39 -26.15 9.68
CA GLN A 447 7.67 -26.87 10.91
C GLN A 447 8.96 -26.38 11.57
N PHE A 448 10.01 -26.10 10.77
CA PHE A 448 11.23 -25.55 11.34
C PHE A 448 10.96 -24.16 11.94
N THR A 449 10.03 -23.41 11.35
CA THR A 449 9.67 -22.10 11.87
C THR A 449 9.02 -22.26 13.26
N LYS A 450 8.13 -23.23 13.38
CA LYS A 450 7.53 -23.60 14.66
C LYS A 450 8.58 -23.97 15.68
N ASP A 451 9.49 -24.85 15.30
CA ASP A 451 10.60 -25.26 16.16
C ASP A 451 11.37 -24.04 16.68
N ALA A 452 11.64 -23.09 15.81
CA ALA A 452 12.44 -21.92 16.20
C ALA A 452 11.69 -21.06 17.22
N ILE A 453 10.38 -20.89 16.98
CA ILE A 453 9.54 -20.09 17.85
C ILE A 453 9.57 -20.70 19.26
N LYS A 454 9.26 -21.99 19.33
CA LYS A 454 9.17 -22.69 20.62
C LYS A 454 10.40 -22.46 21.48
N ILE A 455 11.55 -22.37 20.83
CA ILE A 455 12.81 -22.21 21.52
C ILE A 455 13.05 -20.76 21.97
N ILE A 456 12.60 -19.80 21.19
CA ILE A 456 12.62 -18.41 21.62
C ILE A 456 11.62 -18.24 22.77
N SER A 457 10.48 -18.89 22.64
CA SER A 457 9.39 -18.74 23.59
C SER A 457 9.74 -19.28 24.98
N ASP A 458 10.35 -20.46 25.03
CA ASP A 458 10.70 -21.07 26.31
C ASP A 458 11.69 -20.22 27.08
N ALA A 459 12.65 -19.64 26.36
CA ALA A 459 13.68 -18.80 26.97
C ALA A 459 13.05 -17.61 27.71
N SER A 460 12.28 -16.78 27.00
CA SER A 460 11.66 -15.60 27.61
C SER A 460 10.64 -15.97 28.70
N GLY A 461 9.79 -16.97 28.42
CA GLY A 461 8.89 -17.49 29.44
C GLY A 461 7.46 -17.77 29.00
N ASN A 462 7.04 -17.19 27.89
CA ASN A 462 5.66 -17.31 27.39
C ASN A 462 4.68 -16.53 28.25
N SER A 463 4.96 -15.26 28.47
CA SER A 463 4.08 -14.38 29.24
C SER A 463 2.89 -13.91 28.42
N ARG A 464 1.95 -13.25 29.08
CA ARG A 464 0.80 -12.65 28.38
C ARG A 464 1.27 -11.65 27.31
N GLU A 465 2.48 -11.11 27.48
CA GLU A 465 2.98 -10.02 26.65
C GLU A 465 4.02 -10.43 25.61
N ASN A 466 4.39 -11.71 25.57
CA ASN A 466 5.46 -12.17 24.68
C ASN A 466 5.20 -13.51 24.01
N ASN A 467 4.08 -14.17 24.33
CA ASN A 467 3.84 -15.52 23.84
C ASN A 467 3.61 -15.55 22.34
N PHE A 468 3.87 -16.70 21.73
CA PHE A 468 3.68 -16.87 20.30
C PHE A 468 2.43 -17.69 19.98
N ASP A 469 1.41 -17.63 20.84
CA ASP A 469 0.23 -18.46 20.68
C ASP A 469 -0.45 -18.26 19.31
N ALA A 470 -0.53 -17.01 18.87
CA ALA A 470 -1.18 -16.69 17.61
C ALA A 470 -0.36 -17.18 16.41
N GLU A 471 0.94 -16.92 16.43
CA GLU A 471 1.82 -17.41 15.39
C GLU A 471 1.77 -18.94 15.29
N LEU A 472 1.75 -19.64 16.42
CA LEU A 472 1.75 -21.10 16.35
C LEU A 472 0.45 -21.63 15.76
N ALA A 473 -0.68 -21.08 16.17
CA ALA A 473 -1.98 -21.51 15.64
C ALA A 473 -2.07 -21.21 14.15
N LEU A 474 -1.57 -20.05 13.75
CA LEU A 474 -1.65 -19.66 12.36
C LEU A 474 -0.75 -20.54 11.52
N ILE A 475 0.42 -20.89 12.04
CA ILE A 475 1.31 -21.74 11.30
C ILE A 475 0.70 -23.12 11.16
N ASP A 476 0.07 -23.62 12.22
CA ASP A 476 -0.64 -24.88 12.15
C ASP A 476 -1.68 -24.85 11.04
N LEU A 477 -2.35 -23.70 10.90
CA LEU A 477 -3.37 -23.54 9.87
C LEU A 477 -2.72 -23.55 8.48
N ALA A 478 -1.56 -22.90 8.36
CA ALA A 478 -0.81 -22.92 7.10
C ALA A 478 -0.42 -24.35 6.71
N VAL A 479 -0.01 -25.14 7.71
CA VAL A 479 0.43 -26.49 7.48
C VAL A 479 -0.75 -27.32 6.98
N PHE A 480 -1.95 -27.06 7.50
CA PHE A 480 -3.15 -27.74 7.02
C PHE A 480 -3.36 -27.48 5.53
N HIS A 481 -3.24 -26.23 5.11
CA HIS A 481 -3.47 -25.87 3.73
C HIS A 481 -2.33 -26.33 2.82
N LYS A 482 -1.19 -26.63 3.43
CA LYS A 482 -0.04 -27.19 2.72
C LYS A 482 -0.22 -28.71 2.55
N SER A 483 -1.21 -29.29 3.23
CA SER A 483 -1.34 -30.75 3.22
C SER A 483 -1.76 -31.28 1.85
N THR A 484 -1.31 -32.48 1.50
CA THR A 484 -1.76 -33.10 0.27
C THR A 484 -3.30 -33.22 0.24
N ILE A 485 -3.91 -33.54 1.38
CA ILE A 485 -5.35 -33.77 1.44
C ILE A 485 -6.14 -32.47 1.26
N PHE A 486 -5.69 -31.36 1.83
CA PHE A 486 -6.39 -30.13 1.53
C PHE A 486 -6.34 -29.80 0.04
N LYS A 487 -5.19 -29.96 -0.59
CA LYS A 487 -5.10 -29.66 -2.02
C LYS A 487 -5.98 -30.62 -2.84
N LYS A 488 -6.20 -31.82 -2.33
CA LYS A 488 -7.13 -32.75 -2.97
C LYS A 488 -8.54 -32.19 -2.89
N TYR A 489 -8.90 -31.69 -1.72
CA TYR A 489 -10.20 -31.05 -1.54
C TYR A 489 -10.37 -29.87 -2.48
N LEU A 490 -9.32 -29.05 -2.57
CA LEU A 490 -9.33 -27.90 -3.46
C LEU A 490 -9.56 -28.30 -4.92
N ALA A 491 -8.87 -29.36 -5.34
CA ALA A 491 -9.01 -29.90 -6.69
C ALA A 491 -10.42 -30.39 -6.92
N LEU A 492 -10.99 -30.97 -5.87
CA LEU A 492 -12.37 -31.45 -5.92
C LEU A 492 -13.34 -30.30 -6.13
N LEU A 493 -13.16 -29.21 -5.40
CA LEU A 493 -14.07 -28.09 -5.52
C LEU A 493 -14.00 -27.44 -6.89
N THR A 494 -12.81 -27.46 -7.50
CA THR A 494 -12.52 -26.60 -8.65
C THR A 494 -12.36 -27.31 -9.97
N SER A 495 -12.16 -28.62 -9.89
CA SER A 495 -11.82 -29.47 -11.03
C SER A 495 -10.49 -29.07 -11.66
N LEU A 496 -9.65 -28.41 -10.85
CA LEU A 496 -8.30 -28.03 -11.25
C LEU A 496 -7.25 -28.80 -10.45
N CYS A 497 -6.12 -29.09 -11.05
CA CYS A 497 -5.02 -29.77 -10.39
CA CYS A 497 -5.02 -29.77 -10.38
C CYS A 497 -3.92 -28.79 -10.03
N PRO A 498 -3.75 -28.47 -8.73
CA PRO A 498 -2.63 -27.61 -8.32
C PRO A 498 -1.29 -28.24 -8.63
N VAL A 499 -0.34 -27.44 -9.11
CA VAL A 499 0.99 -27.94 -9.44
C VAL A 499 2.08 -27.13 -8.75
N SER A 500 1.67 -26.08 -8.05
CA SER A 500 2.59 -25.25 -7.29
C SER A 500 1.85 -24.59 -6.15
N GLU A 501 2.59 -24.04 -5.18
CA GLU A 501 1.97 -23.35 -4.06
C GLU A 501 2.87 -22.27 -3.43
N GLN A 502 2.22 -21.23 -2.94
CA GLN A 502 2.82 -20.29 -2.02
C GLN A 502 1.77 -19.94 -0.96
N ILE A 503 2.15 -20.11 0.30
CA ILE A 503 1.33 -19.79 1.44
C ILE A 503 2.03 -18.74 2.30
N LEU A 504 1.30 -17.69 2.63
CA LEU A 504 1.71 -16.60 3.50
C LEU A 504 0.68 -16.30 4.58
N ILE A 505 1.13 -16.08 5.81
CA ILE A 505 0.25 -15.54 6.86
C ILE A 505 0.54 -14.03 6.86
N ARG A 506 -0.50 -13.21 6.85
CA ARG A 506 -0.35 -11.75 6.76
C ARG A 506 -1.06 -11.02 7.86
N ARG A 507 -0.46 -9.92 8.30
CA ARG A 507 -1.08 -9.02 9.25
C ARG A 507 -0.92 -7.58 8.73
N PHE A 508 -2.05 -6.88 8.57
CA PHE A 508 -2.06 -5.48 8.11
C PHE A 508 -2.41 -4.55 9.26
N ARG A 509 -1.41 -3.85 9.78
CA ARG A 509 -1.55 -2.97 10.94
C ARG A 509 -2.29 -1.68 10.59
N PRO A 510 -3.21 -1.22 11.48
CA PRO A 510 -3.83 0.09 11.34
C PRO A 510 -2.82 1.20 11.16
N GLY A 511 -3.01 2.02 10.13
CA GLY A 511 -2.18 3.21 9.97
C GLY A 511 -0.86 2.97 9.28
N MET A 512 -0.61 1.73 8.85
CA MET A 512 0.65 1.39 8.20
C MET A 512 0.55 0.55 6.93
N ASP A 513 -0.33 -0.44 6.90
CA ASP A 513 -0.24 -1.52 5.91
C ASP A 513 -1.30 -1.56 4.83
N PHE A 514 -0.90 -2.10 3.69
CA PHE A 514 -1.67 -2.02 2.45
C PHE A 514 -0.96 -2.80 1.37
N THR A 515 -1.68 -3.13 0.29
CA THR A 515 -1.03 -3.43 -0.98
C THR A 515 -1.70 -2.58 -2.05
N LEU A 516 -1.05 -2.54 -3.21
CA LEU A 516 -1.55 -1.78 -4.35
C LEU A 516 -1.96 -2.73 -5.45
N ALA A 517 -2.76 -2.20 -6.39
CA ALA A 517 -3.36 -2.98 -7.48
C ALA A 517 -2.32 -3.57 -8.46
N THR A 518 -2.28 -4.89 -8.53
CA THR A 518 -1.34 -5.61 -9.37
C THR A 518 -2.00 -6.83 -9.95
N LYS A 519 -1.42 -7.32 -11.03
CA LYS A 519 -1.86 -8.55 -11.68
C LYS A 519 -1.10 -9.72 -11.11
N CYS A 520 -1.60 -10.92 -11.39
CA CYS A 520 -0.91 -12.12 -10.99
C CYS A 520 0.38 -12.23 -11.79
N ARG A 521 1.33 -12.99 -11.27
CA ARG A 521 2.59 -13.23 -11.95
C ARG A 521 2.67 -14.67 -12.40
N PHE A 522 2.61 -14.88 -13.71
CA PHE A 522 2.74 -16.21 -14.27
C PHE A 522 4.13 -16.79 -14.00
N ASN A 523 4.17 -18.08 -13.75
CA ASN A 523 5.42 -18.83 -13.67
C ASN A 523 6.04 -18.97 -15.06
N GLU A 524 7.13 -18.25 -15.32
CA GLU A 524 7.71 -18.21 -16.66
C GLU A 524 8.08 -19.60 -17.18
N LEU A 525 8.56 -20.47 -16.30
CA LEU A 525 9.06 -21.76 -16.74
C LEU A 525 7.92 -22.62 -17.24
N LEU A 526 6.70 -22.32 -16.80
CA LEU A 526 5.54 -23.14 -17.12
C LEU A 526 4.71 -22.60 -18.30
N LYS A 527 5.14 -21.47 -18.87
CA LYS A 527 4.35 -20.78 -19.91
C LYS A 527 4.13 -21.66 -21.12
N SER A 528 5.13 -22.47 -21.44
CA SER A 528 5.08 -23.30 -22.63
C SER A 528 4.30 -24.59 -22.41
N ASN A 529 3.82 -24.80 -21.20
CA ASN A 529 3.11 -26.04 -20.88
C ASN A 529 1.61 -25.93 -21.21
N PRO A 530 1.14 -26.74 -22.17
CA PRO A 530 -0.24 -26.60 -22.66
C PRO A 530 -1.27 -26.99 -21.61
N ASP A 531 -0.90 -27.92 -20.73
CA ASP A 531 -1.81 -28.42 -19.72
C ASP A 531 -2.05 -27.35 -18.64
N ILE A 532 -1.11 -26.44 -18.47
CA ILE A 532 -1.19 -25.46 -17.39
C ILE A 532 -1.99 -24.23 -17.82
N ILE A 533 -3.05 -23.97 -17.07
CA ILE A 533 -3.99 -22.90 -17.34
C ILE A 533 -3.31 -21.54 -17.24
N ASP A 534 -3.64 -20.61 -18.14
CA ASP A 534 -3.09 -19.25 -18.06
C ASP A 534 -3.84 -18.45 -17.02
N ALA A 535 -3.65 -18.86 -15.77
CA ALA A 535 -4.28 -18.22 -14.63
C ALA A 535 -3.51 -18.59 -13.39
N VAL A 536 -3.79 -17.87 -12.32
CA VAL A 536 -3.28 -18.24 -11.01
C VAL A 536 -4.50 -18.35 -10.11
N LEU A 537 -4.58 -19.46 -9.39
CA LEU A 537 -5.64 -19.65 -8.43
C LEU A 537 -5.18 -19.08 -7.10
N GLU A 538 -6.01 -18.25 -6.50
CA GLU A 538 -5.61 -17.50 -5.32
C GLU A 538 -6.68 -17.57 -4.23
N GLY A 539 -6.26 -17.95 -3.02
CA GLY A 539 -7.18 -18.04 -1.91
C GLY A 539 -6.81 -17.06 -0.79
N THR A 540 -7.83 -16.62 -0.07
CA THR A 540 -7.65 -15.71 1.03
C THR A 540 -8.57 -16.13 2.16
N LEU A 541 -7.97 -16.49 3.28
CA LEU A 541 -8.73 -16.90 4.46
C LEU A 541 -8.62 -15.77 5.47
N CYS A 542 -9.69 -15.00 5.62
CA CYS A 542 -9.65 -13.82 6.47
C CYS A 542 -10.00 -14.17 7.91
N LEU A 543 -9.18 -13.70 8.83
CA LEU A 543 -9.35 -13.96 10.25
C LEU A 543 -9.28 -12.66 11.05
N THR A 544 -10.17 -11.73 10.72
CA THR A 544 -10.16 -10.41 11.34
C THR A 544 -11.33 -10.33 12.30
N PRO A 545 -11.06 -10.29 13.62
CA PRO A 545 -12.10 -10.47 14.63
C PRO A 545 -12.79 -9.18 15.10
N SER A 546 -12.33 -8.02 14.66
CA SER A 546 -12.89 -6.75 15.10
C SER A 546 -14.10 -6.34 14.27
N ALA A 547 -14.88 -5.39 14.79
CA ALA A 547 -16.04 -4.88 14.09
C ALA A 547 -15.78 -3.50 13.44
N GLY A 548 -16.75 -3.03 12.67
CA GLY A 548 -16.72 -1.68 12.15
C GLY A 548 -16.27 -1.54 10.71
N TRP A 549 -15.99 -2.65 10.04
CA TRP A 549 -15.36 -2.63 8.71
C TRP A 549 -16.34 -2.51 7.55
N GLU A 550 -17.63 -2.67 7.82
CA GLU A 550 -18.60 -3.03 6.77
C GLU A 550 -18.67 -2.02 5.63
N SER A 551 -18.55 -0.74 5.96
CA SER A 551 -18.70 0.32 4.96
C SER A 551 -17.50 0.44 4.02
N GLY A 552 -16.37 -0.14 4.42
CA GLY A 552 -15.14 -0.02 3.66
C GLY A 552 -14.34 1.18 4.15
N GLU A 553 -14.96 1.99 4.99
CA GLU A 553 -14.34 3.25 5.47
C GLU A 553 -13.10 3.04 6.30
N LEU A 554 -12.96 1.88 6.92
CA LEU A 554 -11.78 1.60 7.74
C LEU A 554 -10.70 0.94 6.88
N GLY A 555 -10.97 0.76 5.60
CA GLY A 555 -10.02 0.11 4.72
C GLY A 555 -9.97 -1.38 4.95
N GLY A 556 -8.86 -1.99 4.55
CA GLY A 556 -8.62 -3.39 4.75
C GLY A 556 -9.41 -4.31 3.80
N TYR A 557 -10.23 -3.75 2.93
CA TYR A 557 -11.05 -4.59 2.06
C TYR A 557 -10.20 -5.23 0.99
N GLU A 558 -10.53 -6.48 0.68
CA GLU A 558 -9.95 -7.18 -0.46
C GLU A 558 -10.72 -6.82 -1.71
N LEU A 559 -10.01 -6.34 -2.71
CA LEU A 559 -10.61 -5.84 -3.94
C LEU A 559 -10.06 -6.56 -5.14
N TYR A 560 -10.93 -7.25 -5.88
CA TYR A 560 -10.60 -7.82 -7.19
C TYR A 560 -11.38 -7.08 -8.24
N MET A 561 -10.72 -6.66 -9.32
CA MET A 561 -11.37 -5.92 -10.38
C MET A 561 -10.69 -6.20 -11.70
N MET A 562 -11.44 -6.03 -12.78
CA MET A 562 -10.88 -6.22 -14.11
C MET A 562 -10.14 -4.97 -14.59
N ASP A 563 -9.22 -5.19 -15.51
CA ASP A 563 -8.35 -4.14 -16.05
C ASP A 563 -9.04 -3.39 -17.19
N SER A 590 -14.48 -2.85 -13.74
CA SER A 590 -15.63 -3.22 -12.92
C SER A 590 -15.21 -4.25 -11.84
N VAL A 591 -15.84 -4.12 -10.69
CA VAL A 591 -15.43 -4.88 -9.51
C VAL A 591 -16.01 -6.28 -9.47
N LEU A 592 -15.16 -7.27 -9.23
CA LEU A 592 -15.57 -8.66 -9.05
C LEU A 592 -15.87 -8.97 -7.58
N ILE A 593 -15.02 -8.45 -6.71
CA ILE A 593 -15.12 -8.70 -5.28
C ILE A 593 -14.65 -7.44 -4.56
N ASN A 594 -15.44 -7.02 -3.57
CA ASN A 594 -15.04 -5.98 -2.64
C ASN A 594 -15.48 -6.43 -1.25
N ASP A 595 -14.57 -7.09 -0.53
CA ASP A 595 -14.90 -7.68 0.75
C ASP A 595 -14.14 -7.05 1.90
N PRO A 596 -14.83 -6.25 2.73
CA PRO A 596 -14.12 -5.78 3.92
C PRO A 596 -13.70 -6.94 4.81
N PRO A 597 -12.75 -6.70 5.73
CA PRO A 597 -12.31 -7.78 6.62
C PRO A 597 -13.46 -8.34 7.43
N ALA A 598 -13.47 -9.65 7.60
CA ALA A 598 -14.50 -10.32 8.36
C ALA A 598 -13.84 -11.54 8.98
N TRP A 599 -14.57 -12.23 9.86
CA TRP A 599 -14.00 -13.36 10.56
C TRP A 599 -14.35 -14.69 9.86
N ASN A 600 -13.33 -15.48 9.55
CA ASN A 600 -13.49 -16.87 9.09
C ASN A 600 -14.20 -17.02 7.73
N THR A 601 -13.71 -16.27 6.75
CA THR A 601 -14.23 -16.32 5.40
C THR A 601 -13.14 -16.85 4.50
N PHE A 602 -13.52 -17.51 3.41
CA PHE A 602 -12.54 -17.97 2.44
C PHE A 602 -12.97 -17.54 1.04
N ASN A 603 -12.13 -16.72 0.41
CA ASN A 603 -12.33 -16.28 -0.97
C ASN A 603 -11.36 -17.02 -1.85
N LEU A 604 -11.85 -17.43 -3.02
CA LEU A 604 -11.06 -18.20 -3.97
C LEU A 604 -11.33 -17.62 -5.33
N VAL A 605 -10.27 -17.26 -6.05
CA VAL A 605 -10.43 -16.63 -7.35
C VAL A 605 -9.45 -17.21 -8.35
N LEU A 606 -9.96 -17.64 -9.51
CA LEU A 606 -9.11 -18.03 -10.62
C LEU A 606 -8.81 -16.80 -11.44
N ARG A 607 -7.61 -16.24 -11.27
CA ARG A 607 -7.24 -14.98 -11.90
C ARG A 607 -6.64 -15.17 -13.27
N ASP A 608 -7.23 -14.56 -14.30
CA ASP A 608 -6.55 -14.50 -15.59
C ASP A 608 -5.54 -13.36 -15.53
N GLU A 609 -4.84 -13.18 -16.64
CA GLU A 609 -3.66 -12.32 -16.70
C GLU A 609 -3.95 -10.88 -16.32
N SER A 610 -5.21 -10.45 -16.48
CA SER A 610 -5.56 -9.05 -16.42
C SER A 610 -6.34 -8.62 -15.16
N VAL A 611 -6.73 -9.57 -14.33
CA VAL A 611 -7.41 -9.24 -13.08
C VAL A 611 -6.47 -8.53 -12.13
N LEU A 612 -6.93 -7.42 -11.56
CA LEU A 612 -6.17 -6.67 -10.55
C LEU A 612 -6.66 -7.00 -9.15
N GLU A 613 -5.75 -6.97 -8.18
CA GLU A 613 -6.12 -7.24 -6.80
C GLU A 613 -5.32 -6.36 -5.85
N PHE A 614 -5.94 -5.95 -4.73
CA PHE A 614 -5.21 -5.33 -3.64
C PHE A 614 -6.02 -5.42 -2.35
N VAL A 615 -5.34 -5.22 -1.24
CA VAL A 615 -5.93 -5.01 0.08
C VAL A 615 -5.75 -3.54 0.41
N LYS A 616 -6.86 -2.84 0.61
CA LYS A 616 -6.80 -1.41 0.83
C LYS A 616 -6.16 -1.11 2.17
N TYR A 617 -5.32 -0.06 2.18
CA TYR A 617 -4.75 0.54 3.36
C TYR A 617 -5.70 0.52 4.55
N VAL A 618 -5.20 0.03 5.69
CA VAL A 618 -5.99 -0.05 6.90
C VAL A 618 -5.89 1.25 7.68
N SER A 619 -7.02 1.89 7.91
CA SER A 619 -7.05 3.15 8.66
C SER A 619 -6.48 2.99 10.06
N TRP A 620 -5.81 4.04 10.51
CA TRP A 620 -5.42 4.22 11.89
C TRP A 620 -6.56 4.01 12.89
N SER A 621 -7.79 4.29 12.45
CA SER A 621 -8.99 4.17 13.29
C SER A 621 -9.51 2.73 13.42
N ALA A 622 -8.95 1.80 12.67
CA ALA A 622 -9.40 0.41 12.75
C ALA A 622 -9.14 -0.14 14.15
N LYS A 623 -10.00 -1.08 14.56
CA LYS A 623 -10.00 -1.62 15.90
C LYS A 623 -9.06 -2.82 16.06
N SER A 624 -8.56 -3.32 14.94
CA SER A 624 -7.51 -4.31 14.95
C SER A 624 -6.82 -4.33 13.61
N SER A 625 -5.73 -5.08 13.51
CA SER A 625 -5.15 -5.42 12.22
C SER A 625 -6.11 -6.28 11.41
N ARG A 626 -5.93 -6.27 10.09
CA ARG A 626 -6.46 -7.31 9.23
C ARG A 626 -5.51 -8.51 9.29
N TRP A 627 -6.00 -9.67 9.71
CA TRP A 627 -5.23 -10.91 9.68
C TRP A 627 -5.80 -11.84 8.61
N ASP A 628 -4.94 -12.44 7.80
CA ASP A 628 -5.39 -13.43 6.85
C ASP A 628 -4.31 -14.42 6.45
N VAL A 629 -4.72 -15.45 5.72
CA VAL A 629 -3.81 -16.40 5.12
C VAL A 629 -4.01 -16.30 3.65
N LYS A 630 -2.92 -16.07 2.94
CA LYS A 630 -2.89 -15.94 1.49
C LYS A 630 -2.28 -17.16 0.85
N MET A 631 -2.92 -17.66 -0.19
CA MET A 631 -2.53 -18.90 -0.87
C MET A 631 -2.59 -18.71 -2.37
N LYS A 632 -1.55 -19.11 -3.07
CA LYS A 632 -1.56 -19.09 -4.53
C LYS A 632 -1.04 -20.39 -5.13
N TRP A 633 -1.67 -20.81 -6.23
CA TRP A 633 -1.33 -22.04 -6.93
C TRP A 633 -1.38 -21.89 -8.43
N ASP A 634 -0.36 -22.41 -9.12
CA ASP A 634 -0.52 -22.71 -10.53
C ASP A 634 -1.37 -23.99 -10.65
N VAL A 635 -2.14 -24.07 -11.72
CA VAL A 635 -3.10 -25.14 -11.91
C VAL A 635 -3.07 -25.67 -13.34
N LYS A 636 -3.33 -26.96 -13.47
CA LYS A 636 -3.53 -27.56 -14.78
C LYS A 636 -4.92 -28.19 -14.83
N SER A 637 -5.46 -28.32 -16.03
CA SER A 637 -6.77 -28.94 -16.20
C SER A 637 -6.60 -30.44 -16.37
N CYS A 638 -7.50 -31.20 -15.78
CA CYS A 638 -7.50 -32.66 -15.91
C CYS A 638 -8.82 -33.18 -16.48
#